data_3TV6
#
_entry.id   3TV6
#
_cell.length_a   108.440
_cell.length_b   108.440
_cell.length_c   150.700
_cell.angle_alpha   90.00
_cell.angle_beta   90.00
_cell.angle_gamma   90.00
#
_symmetry.space_group_name_H-M   'P 41 21 2'
#
loop_
_entity.id
_entity.type
_entity.pdbx_description
1 polymer 'Serine/threonine-protein kinase B-raf'
2 non-polymer 2,6-difluoro-N-(3-methoxy-2H-pyrazolo[3,4-b]pyridin-5-yl)-3-[(propylsulfonyl)amino]benzamide
#
_entity_poly.entity_id   1
_entity_poly.type   'polypeptide(L)'
_entity_poly.pdbx_seq_one_letter_code
;MDRGSHHHHHHGSEDRNRMKTLGRRDSSDDWEIPDGQITVGQRIGSGSFGTVYKGKWHGDVAVKMLNVTAPTPQQLQAFK
NEVGVLRKTRHVNILLFMGYSTKPQLAIVTQWCEGSSLYHHLHIIETKFEMIKLIDIARQTAQGMDYLHAKSIIHRDLKS
NNIFLHEDLTVKIGDFGLATVKSRWSGSHQFEQLSGSILWMAPEVIRMQDKNPYSFQSDVYAFGIVLYELMTGQLPYSNI
NNRDQIIFMVGRGYLSPDLSKVRSNCPKAMKRLMAECLKKKRDERPLFPQILASIELLARSLPKIHR
;
_entity_poly.pdbx_strand_id   A,B
#
# COMPACT_ATOMS: atom_id res chain seq x y z
N ASP A 29 -3.41 -2.54 19.47
CA ASP A 29 -4.45 -3.29 18.73
C ASP A 29 -5.44 -2.37 18.00
N ASP A 30 -6.28 -1.67 18.76
CA ASP A 30 -7.49 -1.05 18.20
C ASP A 30 -7.27 0.17 17.29
N TRP A 31 -7.94 0.13 16.14
CA TRP A 31 -7.72 1.05 15.03
C TRP A 31 -8.58 2.30 15.06
N GLU A 32 -9.27 2.52 16.18
CA GLU A 32 -10.17 3.64 16.28
C GLU A 32 -9.41 4.96 16.17
N ILE A 33 -10.00 5.92 15.46
CA ILE A 33 -9.42 7.25 15.33
C ILE A 33 -10.26 8.29 16.08
N PRO A 34 -9.75 8.76 17.24
CA PRO A 34 -10.44 9.74 18.08
C PRO A 34 -10.84 11.02 17.36
N ASP A 35 -11.94 11.62 17.80
CA ASP A 35 -12.52 12.82 17.21
C ASP A 35 -11.50 13.97 17.10
N GLY A 36 -11.67 14.80 16.08
CA GLY A 36 -10.84 15.99 15.91
C GLY A 36 -9.56 15.74 15.15
N GLN A 37 -9.05 14.50 15.21
CA GLN A 37 -7.88 14.09 14.43
C GLN A 37 -8.13 14.22 12.93
N ILE A 38 -9.21 13.63 12.44
CA ILE A 38 -9.57 13.68 11.02
C ILE A 38 -10.16 15.05 10.63
N THR A 39 -9.81 15.51 9.44
CA THR A 39 -10.29 16.79 8.94
C THR A 39 -10.97 16.61 7.59
N VAL A 40 -12.29 16.48 7.64
CA VAL A 40 -13.16 16.28 6.47
C VAL A 40 -13.15 17.48 5.54
N GLY A 41 -13.22 17.22 4.23
CA GLY A 41 -13.25 18.26 3.20
C GLY A 41 -14.26 17.97 2.11
N GLN A 42 -13.80 18.04 0.86
CA GLN A 42 -14.64 17.88 -0.34
C GLN A 42 -15.52 16.63 -0.34
N ARG A 43 -16.70 16.77 -0.94
CA ARG A 43 -17.67 15.69 -1.01
C ARG A 43 -17.68 15.05 -2.40
N ILE A 44 -17.85 13.73 -2.43
CA ILE A 44 -17.99 12.95 -3.66
C ILE A 44 -18.95 11.78 -3.52
N GLY A 45 -19.07 11.25 -2.31
CA GLY A 45 -19.79 10.01 -2.07
C GLY A 45 -21.29 10.09 -2.07
N SER A 46 -21.90 9.44 -3.05
CA SER A 46 -23.36 9.33 -3.15
C SER A 46 -23.82 8.00 -2.57
N GLY A 47 -25.14 7.84 -2.47
CA GLY A 47 -25.72 6.57 -2.02
C GLY A 47 -26.23 6.58 -0.60
N SER A 48 -27.18 5.68 -0.31
CA SER A 48 -27.72 5.51 1.04
C SER A 48 -26.88 4.56 1.91
N PHE A 49 -25.95 3.84 1.28
CA PHE A 49 -25.02 2.96 2.00
C PHE A 49 -23.89 3.73 2.73
N GLY A 50 -23.71 5.00 2.38
CA GLY A 50 -22.70 5.85 3.00
C GLY A 50 -22.25 7.00 2.11
N THR A 51 -21.65 8.02 2.73
CA THR A 51 -21.14 9.20 2.03
C THR A 51 -19.61 9.27 2.14
N VAL A 52 -18.95 9.39 0.99
CA VAL A 52 -17.48 9.46 0.90
C VAL A 52 -17.00 10.91 0.84
N TYR A 53 -16.15 11.30 1.79
CA TYR A 53 -15.50 12.60 1.78
C TYR A 53 -13.97 12.45 1.66
N LYS A 54 -13.35 13.34 0.89
CA LYS A 54 -11.88 13.43 0.83
C LYS A 54 -11.42 14.15 2.10
N GLY A 55 -10.34 13.67 2.70
CA GLY A 55 -9.92 14.20 3.99
C GLY A 55 -8.43 14.38 4.18
N LYS A 56 -8.04 14.58 5.43
CA LYS A 56 -6.65 14.71 5.82
C LYS A 56 -6.44 14.03 7.17
N TRP A 57 -5.60 13.00 7.18
CA TRP A 57 -5.19 12.32 8.41
C TRP A 57 -3.88 11.58 8.14
N HIS A 58 -2.77 12.17 8.60
CA HIS A 58 -1.43 11.74 8.22
C HIS A 58 -1.33 11.73 6.71
N GLY A 59 -1.86 12.79 6.11
CA GLY A 59 -1.93 12.91 4.66
C GLY A 59 -3.36 12.79 4.17
N ASP A 60 -3.53 12.97 2.86
CA ASP A 60 -4.82 12.82 2.21
C ASP A 60 -5.46 11.48 2.53
N VAL A 61 -6.72 11.52 2.96
CA VAL A 61 -7.49 10.30 3.18
C VAL A 61 -8.85 10.33 2.50
N ALA A 62 -9.45 9.15 2.39
CA ALA A 62 -10.83 9.03 2.01
C ALA A 62 -11.58 8.57 3.25
N VAL A 63 -12.71 9.21 3.51
CA VAL A 63 -13.56 8.85 4.64
C VAL A 63 -14.97 8.53 4.16
N LYS A 64 -15.42 7.31 4.44
CA LYS A 64 -16.80 6.96 4.18
C LYS A 64 -17.61 6.95 5.47
N MET A 65 -18.31 8.07 5.70
CA MET A 65 -19.27 8.19 6.79
C MET A 65 -20.54 7.42 6.46
N LEU A 66 -20.93 6.53 7.37
CA LEU A 66 -22.00 5.56 7.14
C LEU A 66 -23.40 6.16 7.06
N ASN A 67 -23.48 7.49 7.13
CA ASN A 67 -24.75 8.26 7.02
C ASN A 67 -26.02 7.66 7.69
N VAL A 68 -25.82 6.94 8.80
CA VAL A 68 -26.92 6.63 9.72
C VAL A 68 -27.12 7.85 10.63
N THR A 69 -27.92 7.70 11.68
CA THR A 69 -27.99 8.76 12.68
C THR A 69 -27.11 8.39 13.89
N ALA A 70 -27.70 7.81 14.94
CA ALA A 70 -26.93 7.40 16.12
C ALA A 70 -27.38 6.03 16.64
N PRO A 71 -26.89 4.96 16.00
CA PRO A 71 -27.40 3.60 16.22
C PRO A 71 -27.01 2.94 17.56
N THR A 72 -27.84 1.99 17.98
CA THR A 72 -27.75 1.35 19.30
C THR A 72 -26.80 0.14 19.28
N PRO A 73 -25.84 0.09 20.26
CA PRO A 73 -24.82 -0.93 20.57
C PRO A 73 -24.99 -2.35 20.00
N GLN A 74 -26.22 -2.73 19.65
CA GLN A 74 -26.43 -3.95 18.90
C GLN A 74 -25.94 -3.76 17.45
N GLN A 75 -26.07 -2.53 16.97
CA GLN A 75 -25.61 -2.12 15.65
C GLN A 75 -24.13 -1.74 15.66
N LEU A 76 -23.71 -1.07 16.74
CA LEU A 76 -22.31 -0.66 16.93
C LEU A 76 -21.37 -1.87 16.90
N GLN A 77 -21.74 -2.92 17.63
CA GLN A 77 -20.97 -4.16 17.64
C GLN A 77 -20.91 -4.81 16.26
N ALA A 78 -22.00 -4.66 15.50
CA ALA A 78 -22.07 -5.21 14.14
C ALA A 78 -21.17 -4.47 13.16
N PHE A 79 -20.94 -3.19 13.42
CA PHE A 79 -20.00 -2.36 12.65
C PHE A 79 -18.57 -2.77 12.97
N LYS A 80 -18.23 -2.75 14.26
CA LYS A 80 -16.96 -3.27 14.78
C LYS A 80 -16.63 -4.62 14.17
N ASN A 81 -17.67 -5.42 13.95
CA ASN A 81 -17.54 -6.76 13.38
C ASN A 81 -17.14 -6.75 11.92
N GLU A 82 -17.66 -5.77 11.17
CA GLU A 82 -17.33 -5.63 9.75
C GLU A 82 -15.92 -5.07 9.53
N VAL A 83 -15.48 -4.21 10.44
CA VAL A 83 -14.10 -3.77 10.51
C VAL A 83 -13.16 -4.97 10.64
N GLY A 84 -13.50 -5.89 11.55
CA GLY A 84 -12.70 -7.08 11.81
C GLY A 84 -12.41 -7.88 10.55
N VAL A 85 -13.23 -7.66 9.53
CA VAL A 85 -13.04 -8.32 8.25
C VAL A 85 -12.03 -7.51 7.42
N LEU A 86 -12.16 -6.18 7.47
CA LEU A 86 -11.28 -5.28 6.71
C LEU A 86 -9.80 -5.40 7.09
N ARG A 87 -9.50 -5.45 8.38
CA ARG A 87 -8.12 -5.52 8.83
C ARG A 87 -7.40 -6.80 8.40
N LYS A 88 -8.16 -7.77 7.89
CA LYS A 88 -7.60 -9.00 7.35
C LYS A 88 -6.95 -8.77 5.98
N THR A 89 -7.05 -7.54 5.49
CA THR A 89 -6.62 -7.20 4.13
C THR A 89 -5.34 -6.37 4.10
N ARG A 90 -4.31 -6.96 3.51
CA ARG A 90 -3.02 -6.32 3.33
C ARG A 90 -2.47 -6.78 1.99
N HIS A 91 -2.75 -5.98 0.95
CA HIS A 91 -2.41 -6.32 -0.43
C HIS A 91 -2.46 -5.10 -1.33
N VAL A 92 -1.45 -4.99 -2.18
CA VAL A 92 -1.28 -3.82 -3.03
C VAL A 92 -2.53 -3.56 -3.89
N ASN A 93 -3.26 -4.62 -4.23
CA ASN A 93 -4.45 -4.48 -5.08
C ASN A 93 -5.75 -4.24 -4.32
N ILE A 94 -5.69 -4.40 -3.00
CA ILE A 94 -6.83 -4.12 -2.17
C ILE A 94 -6.66 -2.72 -1.61
N LEU A 95 -7.71 -1.90 -1.73
CA LEU A 95 -7.72 -0.56 -1.17
C LEU A 95 -7.28 -0.61 0.29
N LEU A 96 -6.39 0.31 0.69
CA LEU A 96 -5.80 0.24 2.02
C LEU A 96 -6.75 0.77 3.07
N PHE A 97 -7.17 -0.10 3.99
CA PHE A 97 -7.94 0.32 5.16
C PHE A 97 -6.99 0.90 6.20
N MET A 98 -7.28 2.11 6.67
CA MET A 98 -6.39 2.84 7.58
C MET A 98 -6.90 3.05 9.01
N GLY A 99 -8.20 2.94 9.21
CA GLY A 99 -8.81 3.13 10.53
C GLY A 99 -10.30 3.44 10.50
N TYR A 100 -10.99 3.18 11.62
CA TYR A 100 -12.42 3.47 11.75
C TYR A 100 -12.71 4.55 12.76
N SER A 101 -13.87 5.20 12.61
CA SER A 101 -14.30 6.26 13.51
C SER A 101 -15.70 6.02 14.07
N THR A 102 -15.98 6.63 15.22
CA THR A 102 -17.24 6.43 15.96
C THR A 102 -17.82 7.72 16.58
N LYS A 103 -17.00 8.40 17.38
CA LYS A 103 -17.44 9.58 18.15
C LYS A 103 -18.05 10.72 17.33
N PRO A 104 -17.50 11.02 16.13
CA PRO A 104 -18.28 11.97 15.33
C PRO A 104 -19.48 11.30 14.65
N GLN A 105 -19.31 10.01 14.33
CA GLN A 105 -20.20 9.24 13.46
C GLN A 105 -19.50 7.92 13.16
N LEU A 106 -20.27 6.92 12.73
CA LEU A 106 -19.68 5.71 12.17
C LEU A 106 -18.96 5.99 10.84
N ALA A 107 -17.72 5.50 10.71
CA ALA A 107 -16.87 5.80 9.55
C ALA A 107 -15.75 4.78 9.27
N ILE A 108 -15.43 4.61 7.99
CA ILE A 108 -14.26 3.86 7.54
C ILE A 108 -13.34 4.80 6.78
N VAL A 109 -12.05 4.78 7.14
CA VAL A 109 -11.07 5.64 6.49
C VAL A 109 -10.07 4.82 5.67
N THR A 110 -9.84 5.26 4.45
CA THR A 110 -8.89 4.59 3.57
C THR A 110 -7.85 5.55 2.98
N GLN A 111 -6.84 4.99 2.33
CA GLN A 111 -5.91 5.78 1.53
C GLN A 111 -6.71 6.55 0.50
N TRP A 112 -6.20 7.71 0.11
CA TRP A 112 -6.80 8.47 -0.97
C TRP A 112 -6.10 8.13 -2.27
N CYS A 113 -6.87 7.67 -3.26
CA CYS A 113 -6.29 7.39 -4.57
C CYS A 113 -6.40 8.62 -5.43
N GLU A 114 -5.27 9.11 -5.92
CA GLU A 114 -5.27 10.18 -6.91
C GLU A 114 -5.47 9.55 -8.29
N GLY A 115 -6.18 10.24 -9.18
CA GLY A 115 -6.62 9.63 -10.43
C GLY A 115 -8.05 9.15 -10.26
N SER A 116 -8.64 8.61 -11.31
CA SER A 116 -10.08 8.31 -11.29
C SER A 116 -10.38 6.81 -11.33
N SER A 117 -11.59 6.44 -10.91
CA SER A 117 -12.05 5.05 -10.91
C SER A 117 -12.14 4.47 -12.32
N LEU A 118 -12.19 3.15 -12.43
CA LEU A 118 -12.21 2.46 -13.72
C LEU A 118 -13.46 2.79 -14.52
N TYR A 119 -14.60 2.82 -13.84
CA TYR A 119 -15.86 3.16 -14.49
C TYR A 119 -15.76 4.54 -15.11
N HIS A 120 -15.10 5.46 -14.42
CA HIS A 120 -14.87 6.81 -14.91
C HIS A 120 -14.03 6.83 -16.19
N HIS A 121 -12.94 6.05 -16.22
CA HIS A 121 -12.03 6.04 -17.36
C HIS A 121 -12.70 5.52 -18.62
N LEU A 122 -13.23 4.31 -18.53
CA LEU A 122 -13.87 3.63 -19.66
C LEU A 122 -15.13 4.34 -20.16
N HIS A 123 -15.93 4.86 -19.22
CA HIS A 123 -17.29 5.25 -19.52
C HIS A 123 -17.62 6.73 -19.38
N ILE A 124 -16.71 7.53 -18.85
CA ILE A 124 -17.01 8.95 -18.70
C ILE A 124 -15.99 9.82 -19.44
N ILE A 125 -14.72 9.48 -19.32
CA ILE A 125 -13.68 10.21 -20.02
C ILE A 125 -13.17 9.38 -21.22
N GLU A 126 -13.92 8.34 -21.56
CA GLU A 126 -13.69 7.54 -22.77
C GLU A 126 -12.23 7.11 -22.99
N THR A 127 -11.45 7.06 -21.92
CA THR A 127 -10.01 6.77 -22.02
C THR A 127 -9.71 5.48 -22.79
N LYS A 128 -9.04 5.63 -23.92
CA LYS A 128 -8.59 4.46 -24.68
C LYS A 128 -7.21 4.02 -24.18
N PHE A 129 -7.17 2.87 -23.51
CA PHE A 129 -5.90 2.30 -23.07
C PHE A 129 -5.33 1.46 -24.19
N GLU A 130 -4.00 1.36 -24.24
CA GLU A 130 -3.36 0.33 -25.05
C GLU A 130 -3.91 -1.02 -24.61
N MET A 131 -3.92 -1.99 -25.51
CA MET A 131 -4.38 -3.33 -25.19
C MET A 131 -3.55 -3.98 -24.08
N ILE A 132 -2.26 -3.63 -24.02
CA ILE A 132 -1.33 -4.14 -23.00
C ILE A 132 -1.78 -3.75 -21.58
N LYS A 133 -2.18 -2.49 -21.44
CA LYS A 133 -2.73 -1.99 -20.18
C LYS A 133 -4.02 -2.68 -19.82
N LEU A 134 -4.99 -2.66 -20.73
CA LEU A 134 -6.27 -3.33 -20.48
C LEU A 134 -6.05 -4.73 -19.89
N ILE A 135 -5.24 -5.54 -20.55
CA ILE A 135 -4.87 -6.87 -20.03
C ILE A 135 -4.24 -6.78 -18.63
N ASP A 136 -3.51 -5.71 -18.35
CA ASP A 136 -2.85 -5.58 -17.05
C ASP A 136 -3.86 -5.24 -15.94
N ILE A 137 -4.72 -4.25 -16.20
CA ILE A 137 -5.78 -3.88 -15.27
C ILE A 137 -6.56 -5.13 -14.87
N ALA A 138 -6.76 -6.02 -15.84
CA ALA A 138 -7.44 -7.27 -15.59
C ALA A 138 -6.62 -8.08 -14.61
N ARG A 139 -5.35 -8.30 -14.97
CA ARG A 139 -4.43 -9.12 -14.16
C ARG A 139 -4.44 -8.67 -12.71
N GLN A 140 -4.33 -7.36 -12.50
CA GLN A 140 -4.28 -6.81 -11.16
C GLN A 140 -5.59 -7.06 -10.43
N THR A 141 -6.69 -6.79 -11.11
CA THR A 141 -8.00 -6.96 -10.51
C THR A 141 -8.21 -8.42 -10.14
N ALA A 142 -7.86 -9.31 -11.06
CA ALA A 142 -7.93 -10.73 -10.77
C ALA A 142 -7.04 -11.04 -9.57
N GLN A 143 -5.83 -10.50 -9.57
CA GLN A 143 -4.91 -10.65 -8.44
C GLN A 143 -5.56 -10.24 -7.12
N GLY A 144 -6.23 -9.10 -7.13
CA GLY A 144 -6.91 -8.61 -5.93
C GLY A 144 -7.95 -9.57 -5.38
N MET A 145 -8.73 -10.17 -6.27
CA MET A 145 -9.82 -11.05 -5.88
C MET A 145 -9.33 -12.39 -5.35
N ASP A 146 -8.38 -13.01 -6.07
CA ASP A 146 -7.76 -14.25 -5.62
C ASP A 146 -7.30 -14.13 -4.16
N TYR A 147 -6.73 -12.97 -3.83
CA TYR A 147 -6.41 -12.64 -2.45
C TYR A 147 -7.66 -12.67 -1.58
N LEU A 148 -8.63 -11.79 -1.88
CA LEU A 148 -9.88 -11.71 -1.10
C LEU A 148 -10.52 -13.07 -0.87
N HIS A 149 -10.56 -13.87 -1.93
CA HIS A 149 -11.11 -15.21 -1.84
C HIS A 149 -10.27 -16.16 -0.97
N ALA A 150 -8.96 -16.01 -0.99
CA ALA A 150 -8.08 -16.81 -0.13
C ALA A 150 -8.30 -16.47 1.33
N LYS A 151 -8.63 -15.22 1.61
CA LYS A 151 -8.92 -14.83 3.00
C LYS A 151 -10.42 -14.83 3.22
N SER A 152 -11.10 -15.73 2.48
CA SER A 152 -12.53 -16.03 2.66
C SER A 152 -13.45 -14.80 2.66
N ILE A 153 -13.15 -13.86 1.79
CA ILE A 153 -13.96 -12.67 1.66
C ILE A 153 -14.66 -12.66 0.30
N ILE A 154 -15.97 -12.49 0.32
CA ILE A 154 -16.73 -12.35 -0.93
C ILE A 154 -17.06 -10.89 -1.08
N HIS A 155 -16.73 -10.35 -2.26
CA HIS A 155 -16.86 -8.92 -2.53
C HIS A 155 -18.33 -8.50 -2.58
N ARG A 156 -19.13 -9.27 -3.32
CA ARG A 156 -20.57 -9.08 -3.40
C ARG A 156 -20.90 -7.70 -3.90
N ASP A 157 -20.62 -7.43 -5.16
CA ASP A 157 -20.81 -6.08 -5.72
C ASP A 157 -19.49 -5.53 -6.22
N LEU A 158 -18.72 -6.39 -6.87
CA LEU A 158 -17.59 -5.98 -7.65
C LEU A 158 -18.15 -5.41 -8.92
N LYS A 159 -17.74 -4.19 -9.26
CA LYS A 159 -18.09 -3.53 -10.53
C LYS A 159 -16.99 -2.52 -10.82
N SER A 160 -16.91 -2.04 -12.05
CA SER A 160 -15.86 -1.10 -12.41
C SER A 160 -15.87 0.21 -11.59
N ASN A 161 -16.95 0.48 -10.88
CA ASN A 161 -17.03 1.66 -10.00
C ASN A 161 -16.19 1.45 -8.74
N ASN A 162 -16.13 0.20 -8.29
CA ASN A 162 -15.41 -0.17 -7.09
C ASN A 162 -13.94 -0.50 -7.36
N ILE A 163 -13.54 -0.40 -8.62
CA ILE A 163 -12.16 -0.67 -9.01
C ILE A 163 -11.47 0.67 -9.26
N PHE A 164 -10.79 1.15 -8.23
CA PHE A 164 -10.15 2.47 -8.26
C PHE A 164 -8.79 2.32 -8.95
N LEU A 165 -8.29 3.42 -9.50
CA LEU A 165 -7.10 3.34 -10.34
C LEU A 165 -6.04 4.37 -9.96
N HIS A 166 -5.11 3.94 -9.12
CA HIS A 166 -4.16 4.83 -8.45
C HIS A 166 -3.00 5.26 -9.35
N GLU A 167 -2.69 6.56 -9.30
CA GLU A 167 -1.68 7.21 -10.16
C GLU A 167 -1.78 6.74 -11.61
N ASP A 168 -2.99 6.32 -11.98
CA ASP A 168 -3.29 5.71 -13.28
C ASP A 168 -2.43 4.46 -13.60
N LEU A 169 -1.84 3.83 -12.57
CA LEU A 169 -1.12 2.57 -12.78
C LEU A 169 -1.59 1.35 -11.98
N THR A 170 -2.10 1.58 -10.77
CA THR A 170 -2.40 0.45 -9.87
C THR A 170 -3.87 0.28 -9.58
N VAL A 171 -4.31 -0.97 -9.54
CA VAL A 171 -5.71 -1.31 -9.26
C VAL A 171 -5.93 -1.46 -7.76
N LYS A 172 -6.93 -0.76 -7.27
CA LYS A 172 -7.31 -0.77 -5.86
C LYS A 172 -8.81 -1.07 -5.76
N ILE A 173 -9.13 -2.27 -5.28
CA ILE A 173 -10.51 -2.71 -5.15
C ILE A 173 -11.09 -2.29 -3.81
N GLY A 174 -12.19 -1.55 -3.86
CA GLY A 174 -12.89 -1.11 -2.65
C GLY A 174 -14.34 -1.57 -2.57
N ASP A 175 -15.02 -1.13 -1.50
CA ASP A 175 -16.46 -1.38 -1.26
C ASP A 175 -16.86 -2.82 -0.95
N PHE A 176 -15.88 -3.66 -0.61
CA PHE A 176 -16.17 -5.04 -0.25
C PHE A 176 -16.53 -5.15 1.23
N GLY A 177 -16.36 -4.06 1.96
CA GLY A 177 -16.73 -4.01 3.36
C GLY A 177 -18.22 -3.86 3.56
N LEU A 178 -18.67 -4.20 4.77
CA LEU A 178 -20.03 -3.90 5.27
C LEU A 178 -21.15 -4.77 4.68
N ALA A 179 -20.81 -6.00 4.29
CA ALA A 179 -21.81 -6.94 3.77
C ALA A 179 -22.92 -7.20 4.79
N THR A 180 -22.52 -7.47 6.04
CA THR A 180 -23.44 -7.67 7.17
C THR A 180 -24.43 -6.51 7.34
N VAL A 181 -23.90 -5.29 7.31
CA VAL A 181 -24.64 -4.07 7.63
C VAL A 181 -25.70 -3.65 6.57
N LYS A 182 -25.73 -4.36 5.44
CA LYS A 182 -26.78 -4.17 4.42
C LYS A 182 -28.07 -4.91 4.76
N SER A 183 -27.91 -6.12 5.29
CA SER A 183 -29.05 -7.00 5.62
C SER A 183 -29.66 -6.69 6.99
N ARG A 184 -28.83 -6.34 7.95
CA ARG A 184 -29.29 -5.98 9.29
C ARG A 184 -30.08 -4.67 9.31
N TRP A 185 -29.69 -3.73 8.46
CA TRP A 185 -30.45 -2.50 8.24
C TRP A 185 -30.82 -2.39 6.76
N SER A 186 -31.84 -3.16 6.36
CA SER A 186 -32.34 -3.29 4.98
C SER A 186 -31.58 -2.47 3.92
N SER A 195 -30.73 -1.92 -6.65
CA SER A 195 -30.69 -0.77 -7.55
C SER A 195 -29.27 -0.56 -8.10
N GLY A 196 -29.16 -0.35 -9.40
CA GLY A 196 -27.84 -0.26 -10.04
C GLY A 196 -27.10 -1.56 -9.82
N SER A 197 -25.84 -1.62 -10.26
CA SER A 197 -25.03 -2.84 -10.14
C SER A 197 -25.63 -4.12 -10.76
N ILE A 198 -26.83 -4.01 -11.35
CA ILE A 198 -27.49 -5.21 -11.87
C ILE A 198 -26.72 -5.83 -13.02
N LEU A 199 -25.98 -4.99 -13.73
CA LEU A 199 -25.20 -5.42 -14.89
C LEU A 199 -24.15 -6.44 -14.51
N TRP A 200 -23.68 -6.37 -13.27
CA TRP A 200 -22.60 -7.22 -12.80
C TRP A 200 -23.09 -8.50 -12.18
N MET A 201 -24.38 -8.54 -11.88
CA MET A 201 -24.97 -9.66 -11.20
C MET A 201 -25.07 -10.91 -12.05
N ALA A 202 -24.50 -11.98 -11.52
CA ALA A 202 -24.70 -13.32 -12.05
C ALA A 202 -26.17 -13.68 -11.99
N PRO A 203 -26.65 -14.56 -12.88
CA PRO A 203 -28.03 -15.01 -12.82
C PRO A 203 -28.51 -15.28 -11.38
N GLU A 204 -27.99 -16.31 -10.74
CA GLU A 204 -28.45 -16.72 -9.41
C GLU A 204 -28.58 -15.54 -8.46
N VAL A 205 -27.74 -14.53 -8.64
CA VAL A 205 -27.83 -13.33 -7.83
C VAL A 205 -29.04 -12.53 -8.30
N ILE A 206 -29.11 -12.26 -9.61
CA ILE A 206 -30.16 -11.42 -10.20
C ILE A 206 -31.56 -11.83 -9.76
N ARG A 207 -31.98 -13.04 -10.14
CA ARG A 207 -33.23 -13.60 -9.66
C ARG A 207 -33.08 -13.78 -8.17
N MET A 208 -33.62 -12.85 -7.38
CA MET A 208 -33.39 -12.91 -5.93
C MET A 208 -33.98 -14.19 -5.33
N GLN A 209 -33.25 -15.29 -5.50
CA GLN A 209 -33.75 -16.65 -5.22
C GLN A 209 -33.71 -16.95 -3.72
N ASP A 210 -32.62 -17.57 -3.24
CA ASP A 210 -32.50 -17.89 -1.81
C ASP A 210 -31.81 -16.77 -1.01
N LYS A 211 -31.51 -17.05 0.27
CA LYS A 211 -30.94 -16.02 1.16
C LYS A 211 -29.45 -15.77 0.90
N ASN A 212 -28.74 -16.75 0.33
CA ASN A 212 -27.33 -16.53 0.00
C ASN A 212 -26.89 -17.05 -1.38
N PRO A 213 -27.05 -16.19 -2.42
CA PRO A 213 -26.63 -16.46 -3.79
C PRO A 213 -25.14 -16.15 -4.01
N TYR A 214 -24.59 -15.42 -3.05
CA TYR A 214 -23.24 -14.92 -3.12
C TYR A 214 -22.22 -15.99 -2.84
N SER A 215 -21.41 -16.28 -3.85
CA SER A 215 -20.35 -17.25 -3.74
C SER A 215 -19.07 -16.61 -4.28
N PHE A 216 -18.01 -17.42 -4.41
CA PHE A 216 -16.83 -16.99 -5.12
C PHE A 216 -17.21 -16.80 -6.57
N GLN A 217 -17.86 -17.82 -7.14
CA GLN A 217 -18.27 -17.78 -8.55
C GLN A 217 -19.20 -16.60 -8.88
N SER A 218 -20.01 -16.19 -7.91
CA SER A 218 -20.78 -14.95 -8.01
C SER A 218 -19.85 -13.81 -8.40
N ASP A 219 -18.73 -13.69 -7.68
CA ASP A 219 -17.77 -12.64 -7.90
C ASP A 219 -17.03 -12.80 -9.22
N VAL A 220 -16.77 -14.05 -9.59
CA VAL A 220 -16.12 -14.34 -10.88
C VAL A 220 -16.94 -13.80 -12.05
N TYR A 221 -18.25 -14.08 -12.05
CA TYR A 221 -19.13 -13.53 -13.08
C TYR A 221 -19.03 -12.01 -13.13
N ALA A 222 -19.10 -11.35 -11.97
CA ALA A 222 -18.98 -9.89 -11.92
C ALA A 222 -17.65 -9.43 -12.49
N PHE A 223 -16.63 -10.29 -12.33
CA PHE A 223 -15.34 -10.09 -12.97
C PHE A 223 -15.49 -10.20 -14.49
N GLY A 224 -16.08 -11.29 -14.95
CA GLY A 224 -16.42 -11.49 -16.36
C GLY A 224 -16.98 -10.23 -16.98
N ILE A 225 -17.91 -9.59 -16.28
CA ILE A 225 -18.47 -8.33 -16.76
C ILE A 225 -17.41 -7.22 -16.91
N VAL A 226 -16.51 -7.06 -15.93
CA VAL A 226 -15.46 -6.03 -16.12
C VAL A 226 -14.51 -6.44 -17.25
N LEU A 227 -14.30 -7.74 -17.43
CA LEU A 227 -13.53 -8.22 -18.56
C LEU A 227 -14.18 -7.79 -19.86
N TYR A 228 -15.50 -7.81 -19.89
CA TYR A 228 -16.25 -7.34 -21.05
C TYR A 228 -16.18 -5.82 -21.13
N GLU A 229 -16.05 -5.13 -19.99
CA GLU A 229 -15.96 -3.67 -20.02
C GLU A 229 -14.62 -3.27 -20.63
N LEU A 230 -13.57 -3.98 -20.25
CA LEU A 230 -12.23 -3.65 -20.70
C LEU A 230 -12.13 -3.90 -22.19
N MET A 231 -12.51 -5.10 -22.60
CA MET A 231 -12.32 -5.52 -23.98
C MET A 231 -13.24 -4.85 -25.01
N THR A 232 -14.24 -4.11 -24.54
CA THR A 232 -15.21 -3.49 -25.43
C THR A 232 -15.45 -2.06 -25.05
N GLY A 233 -14.82 -1.63 -23.97
CA GLY A 233 -14.97 -0.26 -23.47
C GLY A 233 -16.42 0.18 -23.38
N GLN A 234 -17.31 -0.77 -23.12
CA GLN A 234 -18.75 -0.56 -23.14
C GLN A 234 -19.50 -1.35 -22.09
N LEU A 235 -20.53 -0.74 -21.51
CA LEU A 235 -21.49 -1.48 -20.68
C LEU A 235 -22.30 -2.48 -21.53
N PRO A 236 -22.67 -3.63 -20.95
CA PRO A 236 -23.42 -4.60 -21.75
C PRO A 236 -24.89 -4.25 -21.85
N TYR A 237 -25.58 -4.86 -22.81
CA TYR A 237 -27.02 -4.70 -23.03
C TYR A 237 -27.48 -3.26 -23.28
N SER A 238 -26.59 -2.45 -23.81
CA SER A 238 -26.84 -1.03 -24.09
C SER A 238 -27.94 -0.76 -25.14
N ASN A 239 -28.52 -1.81 -25.69
CA ASN A 239 -29.54 -1.70 -26.74
C ASN A 239 -30.91 -2.18 -26.24
N ILE A 240 -31.04 -2.26 -24.92
CA ILE A 240 -32.29 -2.61 -24.27
C ILE A 240 -32.64 -1.51 -23.28
N ASN A 241 -33.75 -0.83 -23.49
CA ASN A 241 -34.12 0.35 -22.70
C ASN A 241 -34.93 0.11 -21.43
N ASN A 242 -35.43 -1.11 -21.25
CA ASN A 242 -36.22 -1.45 -20.08
C ASN A 242 -35.48 -2.38 -19.11
N ARG A 243 -35.10 -1.83 -17.94
CA ARG A 243 -34.34 -2.55 -16.91
C ARG A 243 -34.94 -3.90 -16.52
N ASP A 244 -36.23 -3.92 -16.19
CA ASP A 244 -36.87 -5.15 -15.74
C ASP A 244 -36.70 -6.27 -16.76
N GLN A 245 -36.66 -5.90 -18.04
CA GLN A 245 -36.44 -6.86 -19.10
C GLN A 245 -35.07 -7.50 -19.00
N ILE A 246 -34.05 -6.68 -18.75
CA ILE A 246 -32.70 -7.19 -18.52
C ILE A 246 -32.78 -8.19 -17.38
N ILE A 247 -33.21 -7.69 -16.22
CA ILE A 247 -33.31 -8.48 -14.99
C ILE A 247 -33.97 -9.84 -15.21
N PHE A 248 -35.16 -9.85 -15.81
CA PHE A 248 -35.85 -11.10 -16.09
C PHE A 248 -35.03 -12.02 -16.99
N MET A 249 -34.41 -11.44 -18.00
CA MET A 249 -33.75 -12.22 -19.03
C MET A 249 -32.43 -12.82 -18.57
N VAL A 250 -31.61 -12.02 -17.89
CA VAL A 250 -30.33 -12.49 -17.39
C VAL A 250 -30.55 -13.65 -16.41
N GLY A 251 -31.43 -13.43 -15.44
CA GLY A 251 -31.81 -14.42 -14.44
C GLY A 251 -32.29 -15.75 -14.99
N ARG A 252 -32.89 -15.73 -16.17
CA ARG A 252 -33.35 -16.96 -16.83
C ARG A 252 -32.36 -17.43 -17.90
N GLY A 253 -31.28 -16.67 -18.07
CA GLY A 253 -30.23 -17.03 -18.99
C GLY A 253 -30.68 -16.99 -20.44
N TYR A 254 -31.54 -16.02 -20.73
CA TYR A 254 -32.04 -15.82 -22.08
C TYR A 254 -31.22 -14.75 -22.77
N LEU A 255 -30.63 -13.87 -21.96
CA LEU A 255 -29.76 -12.80 -22.46
C LEU A 255 -28.47 -12.77 -21.68
N SER A 256 -27.34 -12.94 -22.38
CA SER A 256 -26.02 -12.76 -21.79
C SER A 256 -25.22 -11.76 -22.62
N PRO A 257 -24.06 -11.30 -22.12
CA PRO A 257 -23.26 -10.30 -22.82
C PRO A 257 -22.83 -10.74 -24.23
N ASP A 258 -22.68 -9.75 -25.11
CA ASP A 258 -22.38 -9.98 -26.53
C ASP A 258 -20.88 -10.00 -26.85
N LEU A 259 -20.27 -11.16 -26.67
CA LEU A 259 -18.82 -11.30 -26.73
C LEU A 259 -18.20 -10.81 -28.02
N SER A 260 -19.02 -10.69 -29.08
CA SER A 260 -18.52 -10.32 -30.40
C SER A 260 -18.30 -8.80 -30.60
N LYS A 261 -18.40 -8.02 -29.53
CA LYS A 261 -18.08 -6.60 -29.60
C LYS A 261 -16.68 -6.32 -29.05
N VAL A 262 -15.91 -7.38 -28.81
CA VAL A 262 -14.50 -7.21 -28.49
C VAL A 262 -13.77 -6.65 -29.71
N ARG A 263 -12.81 -5.76 -29.47
CA ARG A 263 -12.00 -5.21 -30.55
C ARG A 263 -11.04 -6.27 -31.12
N SER A 264 -10.52 -6.02 -32.33
CA SER A 264 -9.69 -7.02 -33.03
C SER A 264 -8.34 -7.30 -32.34
N ASN A 265 -7.71 -6.24 -31.85
CA ASN A 265 -6.41 -6.34 -31.16
C ASN A 265 -6.46 -7.11 -29.83
N CYS A 266 -7.67 -7.49 -29.44
CA CYS A 266 -7.92 -8.36 -28.29
C CYS A 266 -7.57 -9.82 -28.65
N PRO A 267 -6.88 -10.54 -27.74
CA PRO A 267 -6.46 -11.95 -27.96
C PRO A 267 -7.63 -12.93 -28.10
N LYS A 268 -7.37 -14.06 -28.77
CA LYS A 268 -8.41 -15.06 -29.06
C LYS A 268 -8.90 -15.79 -27.79
N ALA A 269 -7.96 -16.15 -26.92
CA ALA A 269 -8.27 -16.83 -25.67
C ALA A 269 -8.64 -15.87 -24.53
N MET A 270 -8.94 -14.62 -24.90
CA MET A 270 -9.57 -13.65 -23.99
C MET A 270 -11.09 -13.88 -24.00
N LYS A 271 -11.63 -14.02 -25.21
CA LYS A 271 -13.03 -14.39 -25.43
C LYS A 271 -13.36 -15.70 -24.70
N ARG A 272 -12.47 -16.68 -24.76
CA ARG A 272 -12.66 -17.97 -24.12
C ARG A 272 -12.77 -17.83 -22.62
N LEU A 273 -12.01 -16.89 -22.07
CA LEU A 273 -11.98 -16.71 -20.63
C LEU A 273 -13.21 -15.97 -20.13
N MET A 274 -13.61 -14.93 -20.86
CA MET A 274 -14.84 -14.22 -20.57
C MET A 274 -15.99 -15.21 -20.56
N ALA A 275 -16.07 -16.03 -21.60
CA ALA A 275 -17.06 -17.09 -21.69
C ALA A 275 -17.07 -17.96 -20.44
N GLU A 276 -15.88 -18.31 -19.95
CA GLU A 276 -15.73 -19.13 -18.74
C GLU A 276 -16.28 -18.41 -17.49
N CYS A 277 -15.96 -17.12 -17.37
CA CYS A 277 -16.36 -16.35 -16.22
C CYS A 277 -17.85 -16.05 -16.25
N LEU A 278 -18.44 -16.06 -17.45
CA LEU A 278 -19.81 -15.61 -17.62
C LEU A 278 -20.85 -16.72 -17.69
N LYS A 279 -20.41 -17.97 -17.50
CA LYS A 279 -21.28 -19.14 -17.58
C LYS A 279 -22.54 -18.96 -16.73
N LYS A 280 -23.67 -19.45 -17.24
CA LYS A 280 -24.96 -19.27 -16.56
C LYS A 280 -25.05 -20.08 -15.27
N LYS A 281 -24.72 -21.37 -15.33
CA LYS A 281 -24.59 -22.21 -14.15
C LYS A 281 -23.28 -21.91 -13.43
N ARG A 282 -23.31 -21.76 -12.11
CA ARG A 282 -22.13 -21.30 -11.37
C ARG A 282 -21.00 -22.33 -11.21
N ASP A 283 -21.34 -23.62 -11.32
CA ASP A 283 -20.33 -24.69 -11.28
C ASP A 283 -19.31 -24.48 -12.39
N GLU A 284 -19.81 -24.17 -13.59
CA GLU A 284 -18.96 -24.07 -14.77
C GLU A 284 -17.96 -22.90 -14.73
N ARG A 285 -18.11 -22.01 -13.76
CA ARG A 285 -17.20 -20.87 -13.65
C ARG A 285 -15.88 -21.30 -13.00
N PRO A 286 -14.75 -20.87 -13.57
CA PRO A 286 -13.46 -21.09 -12.95
C PRO A 286 -13.31 -20.21 -11.72
N LEU A 287 -12.47 -20.62 -10.78
CA LEU A 287 -12.11 -19.81 -9.62
C LEU A 287 -10.89 -18.96 -9.96
N PHE A 288 -10.58 -17.98 -9.12
CA PHE A 288 -9.57 -16.96 -9.48
C PHE A 288 -8.13 -17.40 -9.74
N PRO A 289 -7.59 -18.35 -8.93
CA PRO A 289 -6.29 -18.92 -9.23
C PRO A 289 -6.15 -19.33 -10.69
N GLN A 290 -7.17 -20.02 -11.20
CA GLN A 290 -7.18 -20.49 -12.58
C GLN A 290 -7.39 -19.36 -13.58
N ILE A 291 -8.24 -18.41 -13.24
CA ILE A 291 -8.47 -17.24 -14.09
C ILE A 291 -7.14 -16.53 -14.29
N LEU A 292 -6.57 -16.09 -13.17
CA LEU A 292 -5.26 -15.48 -13.07
C LEU A 292 -4.23 -16.16 -13.99
N ALA A 293 -4.13 -17.49 -13.85
CA ALA A 293 -3.27 -18.33 -14.67
C ALA A 293 -3.46 -18.11 -16.17
N SER A 294 -4.71 -18.01 -16.60
CA SER A 294 -5.05 -17.84 -17.99
C SER A 294 -4.68 -16.46 -18.50
N ILE A 295 -4.67 -15.48 -17.60
CA ILE A 295 -4.36 -14.11 -17.96
C ILE A 295 -2.86 -13.96 -18.10
N GLU A 296 -2.11 -14.48 -17.13
CA GLU A 296 -0.63 -14.48 -17.18
C GLU A 296 -0.15 -15.15 -18.46
N LEU A 297 -0.82 -16.25 -18.82
CA LEU A 297 -0.49 -17.00 -20.01
C LEU A 297 -0.67 -16.16 -21.28
N LEU A 298 -1.83 -15.54 -21.43
CA LEU A 298 -2.11 -14.75 -22.63
C LEU A 298 -1.38 -13.41 -22.62
N ALA A 299 -1.12 -12.88 -21.43
CA ALA A 299 -0.46 -11.58 -21.29
C ALA A 299 0.92 -11.63 -21.91
N ARG A 300 1.70 -12.60 -21.47
CA ARG A 300 3.05 -12.83 -22.00
C ARG A 300 2.96 -13.82 -23.17
N SER A 301 2.09 -13.47 -24.12
CA SER A 301 1.89 -14.12 -25.41
C SER A 301 1.50 -13.06 -26.42
N LEU A 302 1.59 -11.80 -26.01
CA LEU A 302 1.07 -10.67 -26.79
C LEU A 302 2.15 -9.77 -27.43
N PRO A 303 3.15 -9.30 -26.64
CA PRO A 303 4.19 -8.39 -27.18
C PRO A 303 4.99 -8.93 -28.38
N LYS A 304 5.04 -10.26 -28.52
CA LYS A 304 5.57 -10.92 -29.73
C LYS A 304 4.41 -11.40 -30.62
N ASP B 29 -7.40 -12.57 11.91
CA ASP B 29 -6.26 -12.00 12.70
C ASP B 29 -4.90 -12.61 12.26
N ASP B 30 -4.31 -13.45 13.13
CA ASP B 30 -2.94 -13.98 12.97
C ASP B 30 -2.42 -14.19 11.53
N TRP B 31 -1.27 -13.57 11.24
CA TRP B 31 -0.78 -13.37 9.87
C TRP B 31 0.14 -14.45 9.29
N GLU B 32 0.32 -15.54 10.03
CA GLU B 32 1.26 -16.58 9.61
C GLU B 32 0.91 -17.19 8.25
N ILE B 33 1.91 -17.26 7.38
CA ILE B 33 1.76 -17.80 6.03
C ILE B 33 2.33 -19.21 5.97
N PRO B 34 1.45 -20.22 5.79
CA PRO B 34 1.81 -21.63 5.78
C PRO B 34 2.88 -21.98 4.74
N ASP B 35 3.70 -22.98 5.06
CA ASP B 35 4.82 -23.40 4.23
C ASP B 35 4.36 -23.68 2.81
N GLY B 36 5.23 -23.39 1.84
CA GLY B 36 4.99 -23.74 0.45
C GLY B 36 4.09 -22.80 -0.32
N GLN B 37 3.45 -21.87 0.39
CA GLN B 37 2.62 -20.84 -0.27
C GLN B 37 3.44 -19.76 -0.96
N ILE B 38 4.66 -19.53 -0.49
CA ILE B 38 5.55 -18.52 -1.06
C ILE B 38 6.57 -19.17 -2.00
N THR B 39 6.77 -18.55 -3.17
CA THR B 39 7.77 -19.01 -4.13
C THR B 39 8.92 -18.03 -4.19
N VAL B 40 10.02 -18.41 -3.56
CA VAL B 40 11.22 -17.57 -3.46
C VAL B 40 11.94 -17.52 -4.81
N GLY B 41 12.38 -16.33 -5.22
CA GLY B 41 13.05 -16.17 -6.52
C GLY B 41 14.41 -15.50 -6.41
N GLN B 42 14.59 -14.44 -7.19
CA GLN B 42 15.82 -13.63 -7.20
C GLN B 42 16.39 -13.28 -5.84
N ARG B 43 17.71 -13.37 -5.73
CA ARG B 43 18.43 -12.99 -4.51
C ARG B 43 18.88 -11.53 -4.62
N ILE B 44 18.54 -10.70 -3.64
CA ILE B 44 18.97 -9.29 -3.65
C ILE B 44 19.48 -8.70 -2.33
N GLY B 45 19.33 -9.45 -1.23
CA GLY B 45 19.72 -8.97 0.09
C GLY B 45 20.98 -9.62 0.62
N SER B 46 22.12 -8.96 0.40
CA SER B 46 23.42 -9.46 0.85
C SER B 46 23.42 -9.84 2.35
N GLY B 47 23.12 -8.88 3.22
CA GLY B 47 23.21 -8.96 4.70
C GLY B 47 23.28 -10.29 5.44
N SER B 48 24.13 -10.35 6.47
CA SER B 48 24.39 -11.58 7.23
C SER B 48 23.19 -12.01 8.09
N PHE B 49 22.48 -11.02 8.61
CA PHE B 49 21.21 -11.24 9.29
C PHE B 49 20.12 -11.26 8.22
N GLY B 50 19.74 -12.45 7.77
CA GLY B 50 18.69 -12.61 6.75
C GLY B 50 18.99 -12.17 5.33
N THR B 51 18.29 -12.78 4.37
CA THR B 51 18.44 -12.45 2.97
C THR B 51 17.10 -12.02 2.37
N VAL B 52 17.07 -10.81 1.83
CA VAL B 52 15.89 -10.29 1.11
C VAL B 52 15.81 -10.99 -0.24
N TYR B 53 14.63 -11.48 -0.59
CA TYR B 53 14.38 -12.13 -1.86
C TYR B 53 13.15 -11.54 -2.54
N LYS B 54 13.21 -11.39 -3.86
CA LYS B 54 12.00 -11.11 -4.63
C LYS B 54 11.33 -12.46 -4.83
N GLY B 55 10.08 -12.57 -4.36
CA GLY B 55 9.35 -13.82 -4.40
C GLY B 55 8.03 -13.70 -5.13
N LYS B 56 7.13 -14.65 -4.86
CA LYS B 56 5.77 -14.66 -5.42
C LYS B 56 4.81 -15.24 -4.41
N TRP B 57 3.85 -14.43 -4.00
CA TRP B 57 2.78 -14.87 -3.11
C TRP B 57 1.61 -13.90 -3.27
N HIS B 58 0.52 -14.39 -3.86
CA HIS B 58 -0.59 -13.52 -4.27
C HIS B 58 -0.06 -12.31 -5.04
N GLY B 59 0.89 -12.60 -5.93
CA GLY B 59 1.57 -11.56 -6.69
C GLY B 59 2.99 -11.33 -6.21
N ASP B 60 3.64 -10.33 -6.79
CA ASP B 60 5.01 -10.00 -6.45
C ASP B 60 5.14 -9.57 -4.99
N VAL B 61 6.05 -10.23 -4.29
CA VAL B 61 6.34 -9.93 -2.90
C VAL B 61 7.84 -9.80 -2.63
N ALA B 62 8.17 -9.13 -1.54
CA ALA B 62 9.54 -9.10 -1.02
C ALA B 62 9.55 -10.00 0.19
N VAL B 63 10.50 -10.94 0.24
CA VAL B 63 10.63 -11.87 1.36
C VAL B 63 12.01 -11.79 2.01
N LYS B 64 12.06 -11.22 3.22
CA LYS B 64 13.30 -11.10 3.96
C LYS B 64 13.41 -12.29 4.91
N MET B 65 14.24 -13.26 4.55
CA MET B 65 14.35 -14.49 5.31
C MET B 65 15.42 -14.48 6.39
N LEU B 66 15.01 -14.21 7.64
CA LEU B 66 15.89 -14.31 8.80
C LEU B 66 16.79 -15.55 8.70
N ASN B 67 18.04 -15.41 9.15
CA ASN B 67 19.06 -16.41 8.85
C ASN B 67 19.60 -17.12 10.07
N VAL B 68 18.75 -17.26 11.09
CA VAL B 68 19.11 -17.97 12.31
C VAL B 68 18.65 -19.43 12.27
N THR B 69 19.49 -20.27 11.67
CA THR B 69 19.31 -21.73 11.52
C THR B 69 18.06 -22.35 12.22
N ALA B 70 18.22 -22.77 13.46
CA ALA B 70 17.11 -23.33 14.24
C ALA B 70 16.93 -22.55 15.55
N PRO B 71 15.78 -21.91 15.74
CA PRO B 71 15.60 -21.04 16.90
C PRO B 71 14.81 -21.67 18.06
N THR B 72 15.00 -21.10 19.26
CA THR B 72 14.36 -21.55 20.48
C THR B 72 12.87 -21.17 20.49
N PRO B 73 12.09 -21.79 21.41
CA PRO B 73 10.81 -21.24 21.87
C PRO B 73 10.95 -19.85 22.52
N GLN B 74 12.12 -19.55 23.09
CA GLN B 74 12.39 -18.24 23.69
C GLN B 74 12.43 -17.16 22.62
N GLN B 75 13.10 -17.50 21.51
CA GLN B 75 13.27 -16.59 20.39
C GLN B 75 11.98 -16.42 19.58
N LEU B 76 11.41 -17.57 19.18
CA LEU B 76 10.15 -17.64 18.44
C LEU B 76 9.10 -16.65 18.97
N GLN B 77 8.89 -16.67 20.28
CA GLN B 77 7.88 -15.83 20.92
C GLN B 77 8.21 -14.34 20.75
N ALA B 78 9.47 -14.00 20.96
CA ALA B 78 9.94 -12.62 20.74
C ALA B 78 9.77 -12.20 19.27
N PHE B 79 9.99 -13.14 18.35
CA PHE B 79 9.80 -12.88 16.91
C PHE B 79 8.38 -12.48 16.58
N LYS B 80 7.42 -13.32 16.97
CA LYS B 80 6.00 -13.04 16.74
C LYS B 80 5.61 -11.70 17.35
N ASN B 81 6.24 -11.36 18.47
CA ASN B 81 6.03 -10.08 19.11
C ASN B 81 6.47 -8.93 18.21
N GLU B 82 7.52 -9.18 17.43
CA GLU B 82 8.02 -8.19 16.48
C GLU B 82 7.00 -7.89 15.40
N VAL B 83 6.30 -8.94 14.97
CA VAL B 83 5.23 -8.83 14.00
C VAL B 83 4.14 -7.88 14.51
N GLY B 84 3.78 -8.04 15.79
CA GLY B 84 2.80 -7.16 16.42
C GLY B 84 3.08 -5.69 16.23
N VAL B 85 4.37 -5.34 16.19
CA VAL B 85 4.79 -3.95 15.93
C VAL B 85 4.45 -3.58 14.49
N LEU B 86 4.79 -4.47 13.55
CA LEU B 86 4.56 -4.26 12.13
C LEU B 86 3.08 -4.06 11.83
N ARG B 87 2.24 -5.00 12.28
CA ARG B 87 0.81 -4.97 11.99
C ARG B 87 0.15 -3.66 12.47
N LYS B 88 0.84 -2.91 13.32
CA LYS B 88 0.35 -1.61 13.75
C LYS B 88 0.39 -0.58 12.62
N THR B 89 0.95 -0.95 11.47
CA THR B 89 1.15 0.01 10.34
C THR B 89 0.20 -0.12 9.14
N ARG B 90 -0.48 0.98 8.85
CA ARG B 90 -1.37 1.09 7.71
C ARG B 90 -1.29 2.50 7.16
N HIS B 91 -0.29 2.73 6.31
CA HIS B 91 -0.07 4.04 5.71
C HIS B 91 0.62 3.92 4.35
N VAL B 92 0.23 4.82 3.45
CA VAL B 92 0.68 4.81 2.06
C VAL B 92 2.20 4.94 1.98
N ASN B 93 2.78 5.62 2.97
CA ASN B 93 4.21 5.84 2.96
C ASN B 93 5.04 4.84 3.77
N ILE B 94 4.38 3.95 4.49
CA ILE B 94 5.09 2.89 5.21
C ILE B 94 5.00 1.61 4.41
N LEU B 95 6.15 0.99 4.17
CA LEU B 95 6.21 -0.23 3.36
C LEU B 95 5.17 -1.22 3.85
N LEU B 96 4.33 -1.69 2.95
CA LEU B 96 3.25 -2.58 3.33
C LEU B 96 3.76 -3.91 3.88
N PHE B 97 3.57 -4.12 5.18
CA PHE B 97 3.71 -5.47 5.75
C PHE B 97 2.60 -6.32 5.20
N MET B 98 2.91 -7.53 4.75
CA MET B 98 1.90 -8.37 4.12
C MET B 98 1.66 -9.68 4.87
N GLY B 99 2.61 -10.06 5.72
CA GLY B 99 2.55 -11.33 6.42
C GLY B 99 3.93 -11.81 6.81
N TYR B 100 3.97 -12.87 7.63
CA TYR B 100 5.23 -13.43 8.10
C TYR B 100 5.22 -14.95 8.03
N SER B 101 6.40 -15.55 8.12
CA SER B 101 6.54 -17.00 8.06
C SER B 101 7.36 -17.54 9.23
N THR B 102 7.25 -18.84 9.49
CA THR B 102 8.17 -19.53 10.38
C THR B 102 8.43 -20.90 9.80
N LYS B 103 7.42 -21.43 9.11
CA LYS B 103 7.38 -22.84 8.73
C LYS B 103 8.71 -23.41 8.19
N PRO B 104 9.31 -22.79 7.13
CA PRO B 104 10.66 -23.23 6.75
C PRO B 104 11.75 -22.49 7.54
N GLN B 105 11.70 -21.15 7.51
CA GLN B 105 12.51 -20.28 8.36
C GLN B 105 11.67 -19.08 8.72
N LEU B 106 12.11 -18.32 9.72
CA LEU B 106 11.45 -17.08 10.07
C LEU B 106 11.64 -16.14 8.90
N ALA B 107 10.56 -15.46 8.51
CA ALA B 107 10.56 -14.54 7.37
C ALA B 107 9.53 -13.43 7.56
N ILE B 108 9.76 -12.32 6.88
CA ILE B 108 8.80 -11.22 6.82
C ILE B 108 8.53 -10.84 5.38
N VAL B 109 7.26 -10.90 5.00
CA VAL B 109 6.85 -10.67 3.62
C VAL B 109 6.26 -9.27 3.49
N THR B 110 6.77 -8.52 2.52
CA THR B 110 6.19 -7.22 2.22
C THR B 110 5.86 -7.12 0.74
N GLN B 111 5.16 -6.05 0.36
CA GLN B 111 4.94 -5.74 -1.03
C GLN B 111 6.29 -5.66 -1.73
N TRP B 112 6.35 -6.14 -2.97
CA TRP B 112 7.52 -5.91 -3.79
C TRP B 112 7.41 -4.55 -4.45
N CYS B 113 8.26 -3.61 -4.05
CA CYS B 113 8.29 -2.31 -4.72
C CYS B 113 9.00 -2.43 -6.06
N GLU B 114 8.32 -2.00 -7.12
CA GLU B 114 8.98 -1.93 -8.40
C GLU B 114 9.70 -0.59 -8.52
N GLY B 115 10.96 -0.63 -8.95
CA GLY B 115 11.84 0.54 -8.86
C GLY B 115 12.49 0.54 -7.49
N SER B 116 13.82 0.68 -7.46
CA SER B 116 14.56 0.39 -6.23
C SER B 116 14.53 1.56 -5.24
N SER B 117 15.45 1.53 -4.28
CA SER B 117 15.51 2.50 -3.19
C SER B 117 15.97 3.89 -3.61
N LEU B 118 15.86 4.83 -2.69
CA LEU B 118 16.31 6.20 -2.90
C LEU B 118 17.82 6.23 -2.95
N TYR B 119 18.45 5.35 -2.17
CA TYR B 119 19.90 5.21 -2.16
C TYR B 119 20.38 4.87 -3.55
N HIS B 120 19.88 3.76 -4.08
CA HIS B 120 20.21 3.32 -5.42
C HIS B 120 20.00 4.39 -6.47
N HIS B 121 18.90 5.12 -6.38
CA HIS B 121 18.61 6.17 -7.32
C HIS B 121 19.62 7.31 -7.23
N LEU B 122 19.96 7.69 -6.02
CA LEU B 122 20.80 8.84 -5.77
C LEU B 122 22.28 8.60 -6.01
N HIS B 123 22.72 7.37 -5.74
CA HIS B 123 24.14 7.11 -5.60
C HIS B 123 24.63 5.98 -6.48
N ILE B 124 23.72 5.15 -6.95
CA ILE B 124 24.14 4.06 -7.81
C ILE B 124 23.85 4.35 -9.27
N ILE B 125 22.66 4.87 -9.59
CA ILE B 125 22.32 5.19 -10.96
C ILE B 125 22.07 6.69 -11.20
N GLU B 126 22.75 7.50 -10.40
CA GLU B 126 22.83 8.96 -10.60
C GLU B 126 21.60 9.61 -11.24
N THR B 127 20.42 9.40 -10.65
CA THR B 127 19.20 10.01 -11.15
C THR B 127 19.10 11.48 -10.77
N LYS B 128 18.95 12.36 -11.75
CA LYS B 128 18.74 13.78 -11.48
C LYS B 128 17.23 14.08 -11.40
N PHE B 129 16.73 14.27 -10.19
CA PHE B 129 15.32 14.55 -10.01
C PHE B 129 15.05 16.03 -10.18
N GLU B 130 13.87 16.33 -10.73
CA GLU B 130 13.33 17.68 -10.74
C GLU B 130 13.29 18.18 -9.30
N MET B 131 13.47 19.48 -9.08
CA MET B 131 13.49 20.03 -7.73
C MET B 131 12.16 19.81 -6.99
N ILE B 132 11.06 19.82 -7.74
CA ILE B 132 9.74 19.59 -7.18
C ILE B 132 9.59 18.12 -6.78
N LYS B 133 10.07 17.23 -7.65
CA LYS B 133 10.01 15.80 -7.40
C LYS B 133 10.78 15.47 -6.12
N LEU B 134 11.88 16.19 -5.91
CA LEU B 134 12.76 15.99 -4.77
C LEU B 134 12.11 16.42 -3.46
N ILE B 135 11.51 17.61 -3.49
CA ILE B 135 10.80 18.13 -2.34
C ILE B 135 9.64 17.22 -2.02
N ASP B 136 9.05 16.62 -3.05
CA ASP B 136 7.97 15.68 -2.82
C ASP B 136 8.46 14.42 -2.10
N ILE B 137 9.56 13.85 -2.59
CA ILE B 137 10.18 12.71 -1.91
C ILE B 137 10.45 13.03 -0.43
N ALA B 138 10.96 14.23 -0.17
CA ALA B 138 11.13 14.71 1.20
C ALA B 138 9.81 14.69 1.95
N ARG B 139 8.78 15.34 1.38
CA ARG B 139 7.46 15.44 1.99
C ARG B 139 6.89 14.09 2.41
N GLN B 140 7.04 13.09 1.55
CA GLN B 140 6.51 11.79 1.85
C GLN B 140 7.27 11.12 2.97
N THR B 141 8.59 11.18 2.89
CA THR B 141 9.42 10.56 3.91
C THR B 141 9.07 11.20 5.24
N ALA B 142 8.87 12.52 5.23
CA ALA B 142 8.37 13.23 6.39
C ALA B 142 7.01 12.66 6.80
N GLN B 143 6.06 12.68 5.88
CA GLN B 143 4.72 12.11 6.09
C GLN B 143 4.75 10.74 6.78
N GLY B 144 5.50 9.82 6.18
CA GLY B 144 5.57 8.46 6.67
C GLY B 144 6.14 8.40 8.07
N MET B 145 7.15 9.24 8.32
CA MET B 145 7.81 9.27 9.63
C MET B 145 6.89 9.80 10.71
N ASP B 146 6.23 10.93 10.42
CA ASP B 146 5.29 11.52 11.33
C ASP B 146 4.30 10.48 11.81
N TYR B 147 3.76 9.71 10.86
CA TYR B 147 2.90 8.58 11.14
C TYR B 147 3.62 7.58 12.06
N LEU B 148 4.79 7.09 11.64
CA LEU B 148 5.54 6.12 12.42
C LEU B 148 5.71 6.55 13.88
N HIS B 149 5.84 7.86 14.08
CA HIS B 149 5.98 8.41 15.42
C HIS B 149 4.65 8.50 16.15
N ALA B 150 3.59 8.87 15.42
CA ALA B 150 2.26 8.93 16.00
C ALA B 150 1.90 7.56 16.54
N LYS B 151 2.40 6.49 15.91
CA LYS B 151 2.15 5.15 16.40
C LYS B 151 3.27 4.66 17.29
N SER B 152 4.01 5.62 17.85
CA SER B 152 5.11 5.37 18.81
C SER B 152 6.13 4.31 18.39
N ILE B 153 6.53 4.37 17.11
CA ILE B 153 7.60 3.51 16.62
C ILE B 153 8.80 4.40 16.26
N ILE B 154 9.97 4.00 16.73
CA ILE B 154 11.21 4.66 16.39
C ILE B 154 11.88 3.80 15.33
N HIS B 155 12.26 4.44 14.23
CA HIS B 155 12.82 3.71 13.08
C HIS B 155 14.13 3.04 13.44
N ARG B 156 15.02 3.84 14.06
CA ARG B 156 16.34 3.41 14.54
C ARG B 156 17.36 3.24 13.41
N ASP B 157 16.89 3.41 12.17
CA ASP B 157 17.74 3.25 11.00
C ASP B 157 17.09 3.83 9.75
N LEU B 158 16.75 5.11 9.81
CA LEU B 158 16.31 5.80 8.60
C LEU B 158 17.55 6.06 7.78
N LYS B 159 17.43 5.84 6.47
CA LYS B 159 18.44 6.21 5.49
C LYS B 159 17.91 5.96 4.10
N SER B 160 18.53 6.58 3.10
CA SER B 160 18.05 6.48 1.72
C SER B 160 17.91 5.05 1.20
N ASN B 161 18.51 4.09 1.89
CA ASN B 161 18.45 2.69 1.48
C ASN B 161 17.15 2.04 1.95
N ASN B 162 16.53 2.68 2.94
CA ASN B 162 15.27 2.20 3.50
C ASN B 162 14.09 2.99 2.98
N ILE B 163 14.35 4.08 2.28
CA ILE B 163 13.29 4.81 1.63
C ILE B 163 13.15 4.25 0.23
N PHE B 164 12.29 3.24 0.09
CA PHE B 164 12.03 2.59 -1.20
C PHE B 164 11.12 3.46 -2.04
N LEU B 165 11.11 3.23 -3.34
CA LEU B 165 10.47 4.18 -4.24
C LEU B 165 9.54 3.51 -5.25
N HIS B 166 8.37 3.10 -4.77
CA HIS B 166 7.41 2.32 -5.55
C HIS B 166 6.93 3.06 -6.79
N GLU B 167 6.90 2.34 -7.92
CA GLU B 167 6.49 2.89 -9.22
C GLU B 167 6.89 4.35 -9.42
N ASP B 168 8.10 4.67 -8.96
CA ASP B 168 8.81 5.94 -9.22
C ASP B 168 8.17 7.23 -8.71
N LEU B 169 7.20 7.12 -7.80
CA LEU B 169 6.62 8.32 -7.19
C LEU B 169 6.33 8.22 -5.71
N THR B 170 5.86 7.06 -5.28
CA THR B 170 5.44 6.90 -3.90
C THR B 170 6.57 6.34 -3.05
N VAL B 171 6.93 7.10 -2.03
CA VAL B 171 7.93 6.71 -1.06
C VAL B 171 7.38 5.62 -0.12
N LYS B 172 8.14 4.56 0.08
CA LYS B 172 7.78 3.50 1.03
C LYS B 172 8.92 3.25 2.03
N ILE B 173 8.78 3.81 3.22
CA ILE B 173 9.73 3.58 4.32
C ILE B 173 9.64 2.15 4.85
N GLY B 174 10.75 1.44 4.78
CA GLY B 174 10.82 0.08 5.28
C GLY B 174 11.94 -0.09 6.30
N ASP B 175 12.19 -1.35 6.65
CA ASP B 175 13.32 -1.75 7.49
C ASP B 175 13.40 -1.06 8.86
N PHE B 176 12.26 -0.85 9.50
CA PHE B 176 12.25 -0.40 10.88
C PHE B 176 11.89 -1.55 11.82
N GLY B 177 11.27 -2.58 11.24
CA GLY B 177 10.65 -3.67 11.98
C GLY B 177 11.34 -4.24 13.21
N LEU B 178 12.30 -5.12 12.98
CA LEU B 178 12.77 -6.02 14.02
C LEU B 178 13.86 -5.41 14.89
N ALA B 179 13.53 -4.31 15.56
CA ALA B 179 14.48 -3.65 16.45
C ALA B 179 14.95 -4.57 17.59
N THR B 180 13.98 -5.04 18.39
CA THR B 180 14.23 -5.80 19.63
C THR B 180 15.00 -7.11 19.42
N VAL B 181 14.68 -7.80 18.34
CA VAL B 181 15.36 -9.05 17.99
C VAL B 181 16.85 -8.84 17.66
N LYS B 182 17.17 -7.70 17.06
CA LYS B 182 18.55 -7.35 16.67
C LYS B 182 19.43 -7.04 17.89
N SER B 183 18.84 -6.35 18.87
CA SER B 183 19.53 -5.97 20.11
C SER B 183 19.80 -7.18 21.01
N ARG B 184 19.68 -8.38 20.46
CA ARG B 184 19.77 -9.61 21.25
C ARG B 184 20.59 -10.71 20.56
N TRP B 185 20.19 -11.10 19.36
CA TRP B 185 20.73 -12.31 18.73
C TRP B 185 22.18 -12.15 18.27
N SER B 186 23.02 -13.12 18.64
CA SER B 186 24.46 -13.05 18.42
C SER B 186 24.84 -13.17 16.94
N GLY B 187 25.59 -12.16 16.46
CA GLY B 187 26.04 -12.09 15.08
C GLY B 187 26.66 -10.75 14.70
N SER B 188 27.31 -10.73 13.55
CA SER B 188 28.00 -9.54 13.04
C SER B 188 27.05 -8.52 12.40
N HIS B 189 25.75 -8.79 12.50
CA HIS B 189 24.71 -7.92 11.95
C HIS B 189 24.58 -6.60 12.72
N GLN B 190 24.62 -6.66 14.06
CA GLN B 190 24.63 -5.46 14.90
C GLN B 190 25.98 -4.73 14.83
N PHE B 191 26.80 -5.10 13.86
CA PHE B 191 28.05 -4.43 13.57
C PHE B 191 28.05 -3.93 12.13
N GLU B 192 27.53 -4.75 11.21
CA GLU B 192 27.39 -4.37 9.80
C GLU B 192 26.40 -3.22 9.60
N GLN B 193 25.22 -3.36 10.18
CA GLN B 193 24.17 -2.34 10.04
C GLN B 193 24.25 -1.26 11.11
N LEU B 194 25.38 -1.24 11.83
CA LEU B 194 25.79 -0.05 12.55
C LEU B 194 26.77 0.73 11.69
N SER B 195 27.65 0.00 11.03
CA SER B 195 28.69 0.58 10.19
C SER B 195 28.14 1.17 8.89
N GLY B 196 27.10 0.56 8.36
CA GLY B 196 26.43 1.08 7.16
C GLY B 196 25.42 2.16 7.49
N SER B 197 25.63 2.85 8.61
CA SER B 197 24.65 3.81 9.11
C SER B 197 25.29 4.95 9.91
N ILE B 198 26.62 5.03 9.86
CA ILE B 198 27.31 6.02 10.69
C ILE B 198 27.05 7.44 10.19
N LEU B 199 26.87 7.58 8.88
CA LEU B 199 26.61 8.87 8.26
C LEU B 199 25.26 9.42 8.66
N TRP B 200 24.38 8.54 9.14
CA TRP B 200 23.03 8.94 9.56
C TRP B 200 22.86 9.03 11.08
N MET B 201 23.74 8.39 11.83
CA MET B 201 23.69 8.45 13.29
C MET B 201 23.91 9.88 13.75
N ALA B 202 23.00 10.37 14.59
CA ALA B 202 23.21 11.64 15.30
C ALA B 202 24.38 11.50 16.27
N PRO B 203 24.98 12.64 16.68
CA PRO B 203 26.07 12.58 17.67
C PRO B 203 25.72 11.73 18.90
N GLU B 204 24.60 12.03 19.55
CA GLU B 204 24.18 11.31 20.77
C GLU B 204 24.14 9.81 20.57
N VAL B 205 23.88 9.40 19.34
CA VAL B 205 23.83 7.99 18.99
C VAL B 205 25.26 7.44 18.87
N ILE B 206 26.14 8.19 18.20
CA ILE B 206 27.50 7.74 17.92
C ILE B 206 28.29 7.46 19.21
N ARG B 207 28.43 8.48 20.05
CA ARG B 207 28.98 8.28 21.38
C ARG B 207 27.96 7.50 22.19
N MET B 208 28.25 6.22 22.41
CA MET B 208 27.33 5.35 23.16
C MET B 208 27.25 5.77 24.64
N GLN B 209 27.05 7.08 24.85
CA GLN B 209 27.01 7.71 26.17
C GLN B 209 26.11 7.01 27.17
N ASP B 210 24.94 6.54 26.71
CA ASP B 210 24.04 5.79 27.59
C ASP B 210 23.34 4.59 26.94
N LYS B 211 22.50 3.93 27.74
CA LYS B 211 21.81 2.69 27.38
C LYS B 211 20.77 2.88 26.26
N ASN B 212 20.07 4.04 26.28
CA ASN B 212 19.11 4.35 25.23
C ASN B 212 19.26 5.76 24.65
N PRO B 213 20.03 5.90 23.55
CA PRO B 213 20.23 7.19 22.89
C PRO B 213 19.23 7.45 21.77
N TYR B 214 18.56 6.39 21.30
CA TYR B 214 17.67 6.40 20.14
C TYR B 214 16.33 7.07 20.41
N SER B 215 16.16 8.29 19.91
CA SER B 215 14.97 9.07 20.19
C SER B 215 14.16 9.36 18.95
N PHE B 216 13.09 10.12 19.12
CA PHE B 216 12.34 10.67 18.01
C PHE B 216 13.27 11.60 17.24
N GLN B 217 14.07 12.37 17.98
CA GLN B 217 15.00 13.34 17.38
C GLN B 217 16.19 12.67 16.73
N SER B 218 16.55 11.49 17.22
CA SER B 218 17.53 10.63 16.58
C SER B 218 17.07 10.33 15.14
N ASP B 219 15.79 9.99 15.01
CA ASP B 219 15.19 9.81 13.70
C ASP B 219 15.22 11.10 12.89
N VAL B 220 14.99 12.23 13.55
CA VAL B 220 14.94 13.52 12.86
C VAL B 220 16.28 13.89 12.22
N TYR B 221 17.39 13.50 12.86
CA TYR B 221 18.74 13.80 12.35
C TYR B 221 19.05 12.90 11.16
N ALA B 222 18.69 11.63 11.25
CA ALA B 222 18.80 10.74 10.10
C ALA B 222 17.99 11.31 8.91
N PHE B 223 16.84 11.90 9.22
CA PHE B 223 16.02 12.56 8.21
C PHE B 223 16.77 13.72 7.58
N GLY B 224 17.43 14.51 8.42
CA GLY B 224 18.23 15.66 7.97
C GLY B 224 19.30 15.25 6.97
N ILE B 225 19.93 14.11 7.24
CA ILE B 225 20.96 13.58 6.35
C ILE B 225 20.37 13.20 4.99
N VAL B 226 19.22 12.52 4.96
CA VAL B 226 18.61 12.23 3.66
C VAL B 226 18.23 13.53 2.97
N LEU B 227 17.79 14.52 3.74
CA LEU B 227 17.55 15.85 3.18
C LEU B 227 18.78 16.37 2.47
N TYR B 228 19.93 16.23 3.12
CA TYR B 228 21.20 16.56 2.51
C TYR B 228 21.41 15.70 1.26
N GLU B 229 21.28 14.38 1.40
CA GLU B 229 21.39 13.48 0.26
C GLU B 229 20.56 13.98 -0.91
N LEU B 230 19.36 14.49 -0.63
CA LEU B 230 18.42 14.87 -1.67
C LEU B 230 18.87 16.14 -2.34
N MET B 231 19.25 17.13 -1.56
CA MET B 231 19.57 18.43 -2.10
C MET B 231 21.00 18.54 -2.68
N THR B 232 21.80 17.49 -2.49
CA THR B 232 23.19 17.52 -2.91
C THR B 232 23.57 16.30 -3.75
N GLY B 233 22.61 15.39 -3.93
CA GLY B 233 22.87 14.18 -4.70
C GLY B 233 24.06 13.39 -4.18
N GLN B 234 24.51 13.75 -2.98
CA GLN B 234 25.74 13.19 -2.38
C GLN B 234 25.60 12.79 -0.91
N LEU B 235 26.32 11.74 -0.51
CA LEU B 235 26.47 11.44 0.91
C LEU B 235 27.35 12.52 1.57
N PRO B 236 27.24 12.69 2.91
CA PRO B 236 28.14 13.68 3.51
C PRO B 236 29.54 13.10 3.70
N TYR B 237 30.48 13.97 4.06
CA TYR B 237 31.84 13.57 4.43
C TYR B 237 32.46 12.71 3.33
N SER B 238 32.16 13.09 2.09
CA SER B 238 32.59 12.40 0.87
C SER B 238 34.08 12.54 0.63
N ASN B 239 34.69 13.53 1.29
CA ASN B 239 36.11 13.85 1.16
C ASN B 239 36.94 13.39 2.36
N ILE B 240 36.38 12.48 3.17
CA ILE B 240 37.13 11.89 4.28
C ILE B 240 37.12 10.37 4.16
N ASN B 241 38.25 9.80 3.77
CA ASN B 241 38.32 8.36 3.49
C ASN B 241 38.30 7.48 4.75
N ASN B 242 38.92 7.95 5.82
CA ASN B 242 39.01 7.16 7.03
C ASN B 242 37.73 7.25 7.87
N ARG B 243 37.00 6.13 7.96
CA ARG B 243 35.71 6.09 8.65
C ARG B 243 35.72 6.00 10.18
N ASP B 244 36.90 5.84 10.79
CA ASP B 244 37.01 5.81 12.25
C ASP B 244 37.00 7.23 12.77
N GLN B 245 37.53 8.13 11.94
CA GLN B 245 37.65 9.53 12.28
C GLN B 245 36.32 10.23 12.16
N ILE B 246 35.46 9.74 11.25
CA ILE B 246 34.09 10.24 11.14
C ILE B 246 33.43 10.01 12.50
N ILE B 247 33.40 8.75 12.92
CA ILE B 247 32.85 8.36 14.21
C ILE B 247 33.39 9.25 15.33
N PHE B 248 34.69 9.51 15.33
CA PHE B 248 35.24 10.34 16.37
C PHE B 248 34.71 11.77 16.29
N MET B 249 34.84 12.37 15.11
CA MET B 249 34.62 13.79 14.94
C MET B 249 33.17 14.21 15.09
N VAL B 250 32.27 13.32 14.69
CA VAL B 250 30.84 13.59 14.73
C VAL B 250 30.36 13.61 16.18
N GLY B 251 30.68 12.53 16.90
CA GLY B 251 30.35 12.40 18.32
C GLY B 251 30.85 13.58 19.12
N ARG B 252 32.02 14.06 18.75
CA ARG B 252 32.66 15.16 19.43
C ARG B 252 32.13 16.51 18.98
N GLY B 253 31.36 16.54 17.90
CA GLY B 253 30.80 17.79 17.38
C GLY B 253 31.81 18.62 16.62
N TYR B 254 32.91 17.99 16.21
CA TYR B 254 33.95 18.67 15.45
C TYR B 254 33.55 18.75 13.98
N LEU B 255 32.67 17.85 13.57
CA LEU B 255 32.33 17.67 12.16
C LEU B 255 30.82 17.54 11.94
N SER B 256 30.34 18.20 10.89
CA SER B 256 28.94 18.08 10.47
C SER B 256 28.86 18.38 8.98
N PRO B 257 27.72 18.04 8.33
CA PRO B 257 27.62 18.15 6.87
C PRO B 257 27.88 19.56 6.33
N ASP B 258 28.55 19.63 5.18
CA ASP B 258 28.88 20.90 4.55
C ASP B 258 27.73 21.38 3.68
N LEU B 259 27.01 22.37 4.21
CA LEU B 259 25.71 22.79 3.65
C LEU B 259 25.78 23.75 2.46
N SER B 260 26.94 24.32 2.19
CA SER B 260 27.11 25.18 1.01
C SER B 260 27.18 24.37 -0.29
N LYS B 261 26.78 23.10 -0.21
CA LYS B 261 26.80 22.18 -1.35
C LYS B 261 25.39 21.96 -1.93
N VAL B 262 24.40 22.68 -1.43
CA VAL B 262 23.03 22.54 -1.94
C VAL B 262 22.88 23.29 -3.27
N ARG B 263 22.36 22.59 -4.29
CA ARG B 263 22.23 23.16 -5.64
C ARG B 263 21.50 24.51 -5.62
N SER B 264 22.09 25.48 -6.32
CA SER B 264 21.73 26.91 -6.24
C SER B 264 20.24 27.26 -6.40
N ASN B 265 19.47 26.32 -6.96
CA ASN B 265 18.02 26.48 -7.11
C ASN B 265 17.21 26.05 -5.86
N CYS B 266 17.84 25.27 -4.97
CA CYS B 266 17.22 24.83 -3.71
C CYS B 266 16.83 26.03 -2.84
N PRO B 267 15.59 26.02 -2.31
CA PRO B 267 15.11 27.13 -1.47
C PRO B 267 15.97 27.31 -0.23
N LYS B 268 16.17 28.57 0.17
CA LYS B 268 17.03 28.88 1.30
C LYS B 268 16.30 28.66 2.63
N ALA B 269 15.01 28.36 2.53
CA ALA B 269 14.20 27.91 3.67
C ALA B 269 14.35 26.40 3.90
N MET B 270 14.74 25.70 2.83
CA MET B 270 15.06 24.26 2.90
C MET B 270 16.40 24.06 3.58
N LYS B 271 17.36 24.92 3.24
CA LYS B 271 18.67 24.91 3.86
C LYS B 271 18.56 25.18 5.39
N ARG B 272 17.59 26.01 5.77
CA ARG B 272 17.35 26.35 7.18
C ARG B 272 16.68 25.22 7.95
N LEU B 273 15.78 24.49 7.29
CA LEU B 273 15.12 23.34 7.88
C LEU B 273 16.11 22.20 8.03
N MET B 274 16.92 22.03 7.00
CA MET B 274 17.99 21.06 7.00
C MET B 274 18.83 21.24 8.25
N ALA B 275 19.23 22.48 8.52
CA ALA B 275 20.03 22.83 9.70
C ALA B 275 19.29 22.52 11.00
N GLU B 276 18.09 23.07 11.15
CA GLU B 276 17.21 22.76 12.28
C GLU B 276 17.12 21.24 12.54
N CYS B 277 17.02 20.47 11.46
CA CYS B 277 16.92 19.02 11.56
C CYS B 277 18.22 18.39 12.01
N LEU B 278 19.33 19.06 11.75
CA LEU B 278 20.65 18.50 11.98
C LEU B 278 21.33 19.01 13.26
N LYS B 279 20.62 19.85 14.02
CA LYS B 279 21.16 20.45 15.24
C LYS B 279 21.88 19.42 16.10
N LYS B 280 23.11 19.76 16.49
CA LYS B 280 23.99 18.90 17.28
C LYS B 280 23.35 18.47 18.59
N LYS B 281 22.81 19.44 19.34
CA LYS B 281 22.03 19.17 20.54
C LYS B 281 20.67 18.63 20.10
N ARG B 282 20.29 17.45 20.59
CA ARG B 282 19.02 16.84 20.16
C ARG B 282 17.76 17.64 20.48
N ASP B 283 17.78 18.38 21.60
CA ASP B 283 16.61 19.12 22.05
C ASP B 283 16.28 20.31 21.13
N GLU B 284 17.22 20.68 20.26
CA GLU B 284 16.99 21.78 19.35
C GLU B 284 16.33 21.30 18.05
N ARG B 285 16.11 20.00 17.95
CA ARG B 285 15.50 19.43 16.74
C ARG B 285 13.98 19.44 16.79
N PRO B 286 13.34 19.91 15.71
CA PRO B 286 11.89 19.83 15.63
C PRO B 286 11.45 18.38 15.44
N LEU B 287 10.18 18.11 15.72
CA LEU B 287 9.58 16.81 15.42
C LEU B 287 8.79 16.88 14.11
N PHE B 288 8.37 15.73 13.62
CA PHE B 288 7.87 15.65 12.25
C PHE B 288 6.62 16.45 11.95
N PRO B 289 5.63 16.47 12.86
CA PRO B 289 4.47 17.30 12.58
C PRO B 289 4.85 18.73 12.16
N GLN B 290 5.91 19.26 12.75
CA GLN B 290 6.36 20.62 12.46
C GLN B 290 7.25 20.70 11.23
N ILE B 291 8.05 19.65 11.01
CA ILE B 291 8.86 19.52 9.79
C ILE B 291 7.93 19.51 8.58
N LEU B 292 6.96 18.61 8.64
CA LEU B 292 5.96 18.41 7.60
C LEU B 292 5.26 19.72 7.22
N ALA B 293 5.09 20.61 8.19
CA ALA B 293 4.50 21.92 7.96
C ALA B 293 5.47 22.87 7.28
N SER B 294 6.76 22.78 7.63
CA SER B 294 7.79 23.63 7.03
C SER B 294 7.96 23.28 5.56
N ILE B 295 7.79 21.99 5.26
CA ILE B 295 7.95 21.49 3.90
C ILE B 295 6.74 21.86 3.05
N GLU B 296 5.54 21.57 3.56
CA GLU B 296 4.28 21.88 2.87
C GLU B 296 4.18 23.37 2.58
N LEU B 297 4.83 24.19 3.42
CA LEU B 297 4.93 25.63 3.22
C LEU B 297 5.83 25.94 2.02
N LEU B 298 7.05 25.41 2.03
CA LEU B 298 7.98 25.69 0.94
C LEU B 298 7.61 24.98 -0.35
N ALA B 299 6.76 23.95 -0.24
CA ALA B 299 6.25 23.24 -1.41
C ALA B 299 5.40 24.18 -2.25
N ARG B 300 4.26 24.58 -1.70
CA ARG B 300 3.35 25.51 -2.36
C ARG B 300 3.94 26.92 -2.41
N SER B 301 5.21 26.99 -2.82
CA SER B 301 5.96 28.24 -2.94
C SER B 301 7.03 28.19 -4.05
N LEU B 302 6.67 27.65 -5.21
CA LEU B 302 7.59 27.59 -6.38
C LEU B 302 6.94 27.51 -7.78
N PRO B 303 5.67 27.03 -7.88
CA PRO B 303 4.93 27.20 -9.16
C PRO B 303 4.54 28.66 -9.42
N LYS B 304 4.38 29.43 -8.35
CA LYS B 304 4.05 30.87 -8.39
C LYS B 304 5.16 31.69 -9.05
#